data_8ITS
#
_entry.id   8ITS
#
_cell.length_a   79.540
_cell.length_b   38.730
_cell.length_c   49.800
_cell.angle_alpha   90.000
_cell.angle_beta   125.830
_cell.angle_gamma   90.000
#
_symmetry.space_group_name_H-M   'C 1 2 1'
#
loop_
_entity.id
_entity.type
_entity.pdbx_description
1 polymer 'RNA (46-MER)'
2 non-polymer 'MAGNESIUM ION'
3 water water
#
_entity_poly.entity_id   1
_entity_poly.type   'polyribonucleotide'
_entity_poly.pdbx_seq_one_letter_code
;GGGAGUUAGACUCGCGAAAGCGAGGAACUGCGAAAGCAGUACUUCC
;
_entity_poly.pdbx_strand_id   A
#